data_7CDH
#
_entry.id   7CDH
#
_cell.length_a   143.940
_cell.length_b   143.940
_cell.length_c   119.570
_cell.angle_alpha   90.000
_cell.angle_beta   90.000
_cell.angle_gamma   90.000
#
_symmetry.space_group_name_H-M   'I 4 2 2'
#
loop_
_entity.id
_entity.type
_entity.pdbx_description
1 polymer 'Isoaspartyl dipeptidase'
2 non-polymer GLYCEROL
3 non-polymer DI(HYDROXYETHYL)ETHER
4 non-polymer 'ZINC ION'
5 water water
#
_entity_poly.entity_id   1
_entity_poly.type   'polypeptide(L)'
_entity_poly.pdbx_seq_one_letter_code
;MIKIIKNAKVFSPEYIGKKDVIFYHKVIHVGEGVNTSVLPFEHEIYDANGLLLLPGLIDPHVHITGGGGEGGFETRTPEL
KISDCIRSGVTTVVGCLGTDGITRSLENLYAKAKSLESEGLNTFIYTGSYRVPPVTFTGSIMRDIVLIDKVIGVGEIAIS
DHRSSQPTLEEILRIVADIRVGGMISGKAGIVNFHVGSGKRGIEYLFDIIEKTEIPIQHLYPTHMSRSRKLFEQGLEFAK
RGGTIDLTALQPKDAEFVRAEFTTIDAICEAYENGLLDNVTISSDGQGSLPKFDDNGNFVGLDVGSVSAVWYTIRKVLEK
GLPLAEVLKISTTNPARVFKLNKGKIAKGQDADFILVDEQSFEIVSVISKGEFLMKDGVMKNLNFEF
;
_entity_poly.pdbx_strand_id   X
#
loop_
_chem_comp.id
_chem_comp.type
_chem_comp.name
_chem_comp.formula
GOL non-polymer GLYCEROL 'C3 H8 O3'
PEG non-polymer DI(HYDROXYETHYL)ETHER 'C4 H10 O3'
ZN non-polymer 'ZINC ION' 'Zn 2'
#
# COMPACT_ATOMS: atom_id res chain seq x y z
N MET A 1 14.68 22.80 1.61
CA MET A 1 15.07 23.28 0.26
C MET A 1 13.97 23.00 -0.79
N ILE A 2 13.61 24.03 -1.54
CA ILE A 2 12.73 23.94 -2.74
C ILE A 2 13.50 23.27 -3.86
N LYS A 3 12.87 22.34 -4.59
CA LYS A 3 13.51 21.60 -5.70
C LYS A 3 12.58 21.63 -6.88
N ILE A 4 13.14 21.40 -8.07
CA ILE A 4 12.41 21.37 -9.37
C ILE A 4 12.93 20.18 -10.15
N ILE A 5 12.02 19.33 -10.63
CA ILE A 5 12.35 18.25 -11.61
C ILE A 5 11.94 18.74 -13.01
N LYS A 6 12.91 18.75 -13.92
CA LYS A 6 12.75 19.27 -15.30
C LYS A 6 12.81 18.09 -16.26
N ASN A 7 12.01 18.15 -17.34
CA ASN A 7 12.22 17.37 -18.59
C ASN A 7 11.73 15.94 -18.46
N ALA A 8 10.90 15.61 -17.46
CA ALA A 8 10.32 14.26 -17.35
C ALA A 8 8.94 14.24 -18.01
N LYS A 9 8.54 13.08 -18.48
CA LYS A 9 7.12 12.85 -18.84
C LYS A 9 6.42 12.48 -17.54
N VAL A 10 5.40 13.21 -17.15
CA VAL A 10 4.77 13.02 -15.82
C VAL A 10 3.51 12.17 -15.94
N PHE A 11 3.41 11.09 -15.15
CA PHE A 11 2.15 10.36 -14.93
C PHE A 11 1.67 10.67 -13.51
N SER A 12 0.48 11.25 -13.40
CA SER A 12 0.05 12.00 -12.22
C SER A 12 -0.87 11.19 -11.28
N PRO A 13 -1.38 9.97 -11.58
CA PRO A 13 -0.98 9.07 -12.66
C PRO A 13 -1.55 9.23 -14.10
N GLU A 14 -2.59 10.03 -14.31
CA GLU A 14 -3.03 10.42 -15.69
C GLU A 14 -1.83 11.04 -16.43
N TYR A 15 -1.59 10.61 -17.67
CA TYR A 15 -0.45 11.08 -18.49
C TYR A 15 -0.69 12.55 -18.86
N ILE A 16 0.20 13.45 -18.45
CA ILE A 16 0.10 14.90 -18.76
C ILE A 16 1.36 15.34 -19.53
N GLY A 17 2.15 14.37 -20.02
CA GLY A 17 3.34 14.59 -20.86
C GLY A 17 4.41 15.42 -20.20
N LYS A 18 5.23 16.11 -21.00
CA LYS A 18 6.46 16.81 -20.52
C LYS A 18 6.03 18.02 -19.67
N LYS A 19 6.28 17.93 -18.35
CA LYS A 19 5.91 18.98 -17.37
C LYS A 19 7.00 19.08 -16.33
N ASP A 20 7.08 20.22 -15.68
CA ASP A 20 8.10 20.55 -14.65
C ASP A 20 7.38 20.59 -13.30
N VAL A 21 8.01 20.03 -12.27
CA VAL A 21 7.43 19.88 -10.90
C VAL A 21 8.32 20.59 -9.88
N ILE A 22 7.73 21.57 -9.19
CA ILE A 22 8.36 22.37 -8.10
C ILE A 22 7.76 21.90 -6.77
N PHE A 23 8.59 21.52 -5.80
CA PHE A 23 8.12 20.94 -4.50
C PHE A 23 9.08 21.31 -3.35
N TYR A 24 8.53 21.43 -2.15
CA TYR A 24 9.25 21.41 -0.85
C TYR A 24 9.05 20.01 -0.24
N HIS A 25 8.10 19.89 0.70
CA HIS A 25 7.56 18.63 1.27
C HIS A 25 6.27 18.33 0.53
N LYS A 26 5.56 19.38 0.10
CA LYS A 26 4.38 19.28 -0.78
C LYS A 26 4.68 19.84 -2.18
N VAL A 27 3.94 19.36 -3.17
CA VAL A 27 4.04 19.86 -4.58
C VAL A 27 3.54 21.29 -4.61
N ILE A 28 4.39 22.20 -5.08
CA ILE A 28 4.11 23.66 -5.17
C ILE A 28 3.43 23.99 -6.52
N HIS A 29 3.87 23.38 -7.63
CA HIS A 29 3.45 23.73 -9.00
C HIS A 29 3.82 22.64 -10.02
N VAL A 30 2.84 22.22 -10.81
CA VAL A 30 3.09 21.40 -12.03
C VAL A 30 2.84 22.32 -13.24
N GLY A 31 3.75 22.34 -14.21
CA GLY A 31 3.50 23.09 -15.46
C GLY A 31 4.67 23.06 -16.41
N GLU A 32 4.53 23.80 -17.52
CA GLU A 32 5.51 23.88 -18.63
C GLU A 32 6.81 24.49 -18.09
N GLY A 33 7.95 24.07 -18.63
CA GLY A 33 9.29 24.53 -18.21
C GLY A 33 9.38 26.06 -18.24
N VAL A 34 9.84 26.67 -17.15
CA VAL A 34 9.90 28.16 -16.95
C VAL A 34 10.70 28.84 -18.08
N ASN A 35 12.00 28.54 -18.21
CA ASN A 35 12.95 29.12 -19.21
C ASN A 35 13.33 30.57 -18.86
N THR A 36 13.03 31.04 -17.64
CA THR A 36 13.68 32.23 -17.00
C THR A 36 14.22 31.81 -15.64
N SER A 37 13.36 31.30 -14.75
CA SER A 37 13.71 30.51 -13.52
C SER A 37 14.64 31.29 -12.58
N VAL A 38 14.81 32.61 -12.76
CA VAL A 38 15.64 33.48 -11.88
C VAL A 38 14.94 33.57 -10.51
N LEU A 39 15.39 32.74 -9.56
CA LEU A 39 14.63 32.46 -8.30
C LEU A 39 15.36 33.04 -7.10
N PRO A 40 14.68 33.90 -6.30
CA PRO A 40 15.32 34.59 -5.19
C PRO A 40 15.51 33.79 -3.89
N PHE A 41 16.03 32.56 -3.99
CA PHE A 41 16.39 31.69 -2.85
C PHE A 41 17.13 30.46 -3.38
N GLU A 42 18.01 29.88 -2.57
CA GLU A 42 18.61 28.53 -2.77
C GLU A 42 17.50 27.53 -3.17
N HIS A 43 17.87 26.59 -4.04
CA HIS A 43 16.92 25.72 -4.79
C HIS A 43 17.75 24.69 -5.56
N GLU A 44 17.24 23.45 -5.66
CA GLU A 44 17.92 22.34 -6.36
C GLU A 44 17.14 22.07 -7.65
N ILE A 45 17.85 21.71 -8.71
CA ILE A 45 17.25 21.34 -10.03
C ILE A 45 17.70 19.93 -10.37
N TYR A 46 16.80 19.08 -10.87
CA TYR A 46 17.15 17.70 -11.31
C TYR A 46 16.67 17.52 -12.75
N ASP A 47 17.63 17.16 -13.61
CA ASP A 47 17.43 16.91 -15.06
C ASP A 47 16.95 15.49 -15.21
N ALA A 48 15.64 15.33 -15.38
CA ALA A 48 15.02 14.00 -15.49
C ALA A 48 14.74 13.67 -16.95
N ASN A 49 15.51 14.21 -17.90
CA ASN A 49 15.33 13.90 -19.34
C ASN A 49 15.66 12.41 -19.53
N GLY A 50 14.82 11.69 -20.28
CA GLY A 50 14.89 10.23 -20.41
C GLY A 50 14.07 9.48 -19.36
N LEU A 51 13.53 10.16 -18.34
CA LEU A 51 12.80 9.53 -17.21
C LEU A 51 11.31 9.89 -17.25
N LEU A 52 10.48 8.94 -16.80
CA LEU A 52 9.07 9.12 -16.40
C LEU A 52 9.07 9.46 -14.90
N LEU A 53 8.33 10.50 -14.51
CA LEU A 53 8.01 10.87 -13.12
C LEU A 53 6.62 10.29 -12.76
N LEU A 54 6.59 9.40 -11.76
CA LEU A 54 5.39 8.67 -11.26
C LEU A 54 5.12 9.10 -9.82
N PRO A 55 3.89 8.88 -9.28
CA PRO A 55 3.65 9.06 -7.86
C PRO A 55 4.37 7.90 -7.14
N GLY A 56 4.91 8.14 -5.94
CA GLY A 56 5.52 7.07 -5.13
C GLY A 56 4.50 5.96 -4.91
N LEU A 57 4.92 4.71 -5.01
CA LEU A 57 4.06 3.54 -4.83
C LEU A 57 3.72 3.37 -3.33
N ILE A 58 2.49 2.96 -3.08
CA ILE A 58 1.89 2.71 -1.74
C ILE A 58 1.63 1.21 -1.65
N ASP A 59 2.33 0.51 -0.76
CA ASP A 59 2.15 -0.93 -0.46
C ASP A 59 1.28 -1.03 0.79
N PRO A 60 -0.03 -1.32 0.68
CA PRO A 60 -0.91 -1.28 1.86
C PRO A 60 -0.90 -2.53 2.76
N HIS A 61 0.03 -3.44 2.57
CA HIS A 61 0.10 -4.68 3.37
C HIS A 61 1.54 -5.22 3.44
N VAL A 62 2.31 -4.79 4.46
CA VAL A 62 3.72 -5.21 4.71
C VAL A 62 3.92 -5.62 6.17
N HIS A 63 4.53 -6.78 6.40
CA HIS A 63 4.92 -7.23 7.75
C HIS A 63 6.23 -6.56 8.08
N ILE A 64 6.21 -5.25 8.36
CA ILE A 64 7.44 -4.45 8.56
C ILE A 64 8.32 -5.00 9.71
N THR A 65 7.77 -5.68 10.71
CA THR A 65 8.57 -6.18 11.86
C THR A 65 9.07 -7.61 11.61
N GLY A 66 8.68 -8.22 10.50
CA GLY A 66 8.89 -9.65 10.27
C GLY A 66 7.62 -10.41 10.51
N GLY A 67 7.48 -11.56 9.87
CA GLY A 67 6.35 -12.47 10.10
C GLY A 67 6.79 -13.91 10.09
N GLY A 68 6.06 -14.75 9.41
CA GLY A 68 6.41 -16.18 9.45
C GLY A 68 6.13 -16.75 10.83
N GLY A 69 6.74 -17.90 11.14
CA GLY A 69 6.56 -18.62 12.40
C GLY A 69 5.52 -19.72 12.31
N GLU A 70 4.86 -19.87 11.17
CA GLU A 70 3.89 -20.97 10.92
C GLU A 70 4.61 -22.33 10.95
N GLY A 71 5.93 -22.39 10.71
CA GLY A 71 6.67 -23.66 10.73
C GLY A 71 7.59 -23.81 11.93
N GLY A 72 7.32 -23.08 13.04
CA GLY A 72 8.19 -23.03 14.24
C GLY A 72 9.03 -21.77 14.28
N PHE A 73 9.73 -21.56 15.39
CA PHE A 73 10.52 -20.34 15.68
C PHE A 73 11.59 -20.08 14.60
N GLU A 74 12.09 -21.12 13.94
CA GLU A 74 13.11 -21.04 12.84
C GLU A 74 12.50 -20.44 11.56
N THR A 75 11.18 -20.31 11.46
CA THR A 75 10.50 -19.75 10.28
C THR A 75 10.09 -18.31 10.52
N ARG A 76 10.45 -17.67 11.65
CA ARG A 76 10.27 -16.21 11.79
C ARG A 76 11.13 -15.46 10.75
N THR A 77 10.55 -14.51 10.03
CA THR A 77 11.30 -13.80 8.98
C THR A 77 11.88 -12.52 9.54
N PRO A 78 12.92 -11.97 8.89
CA PRO A 78 13.53 -10.73 9.35
C PRO A 78 12.60 -9.52 9.13
N GLU A 79 12.92 -8.42 9.79
CA GLU A 79 12.19 -7.14 9.65
C GLU A 79 12.52 -6.54 8.27
N LEU A 80 11.70 -5.61 7.80
CA LEU A 80 11.85 -4.92 6.50
C LEU A 80 13.09 -4.05 6.57
N LYS A 81 13.88 -3.97 5.51
CA LYS A 81 14.98 -2.95 5.44
C LYS A 81 14.44 -1.76 4.63
N ILE A 82 14.66 -0.52 5.08
CA ILE A 82 14.20 0.66 4.31
C ILE A 82 14.84 0.64 2.92
N SER A 83 16.11 0.24 2.82
CA SER A 83 16.83 0.13 1.54
C SER A 83 16.05 -0.75 0.53
N ASP A 84 15.36 -1.83 0.96
CA ASP A 84 14.49 -2.67 0.09
C ASP A 84 13.38 -1.82 -0.54
N CYS A 85 12.76 -0.99 0.31
CA CYS A 85 11.65 -0.08 -0.07
C CYS A 85 12.12 0.88 -1.16
N ILE A 86 13.21 1.60 -0.88
CA ILE A 86 13.76 2.67 -1.73
C ILE A 86 14.01 2.09 -3.14
N ARG A 87 14.70 0.96 -3.25
N ARG A 87 14.73 0.97 -3.21
CA ARG A 87 15.11 0.43 -4.57
CA ARG A 87 15.14 0.35 -4.49
C ARG A 87 13.96 -0.35 -5.20
C ARG A 87 13.88 -0.12 -5.26
N SER A 88 12.80 -0.44 -4.54
CA SER A 88 11.57 -1.04 -5.12
C SER A 88 10.49 0.03 -5.39
N GLY A 89 10.79 1.31 -5.16
CA GLY A 89 9.88 2.44 -5.47
C GLY A 89 8.74 2.62 -4.48
N VAL A 90 8.73 1.90 -3.36
CA VAL A 90 7.67 2.00 -2.31
C VAL A 90 8.03 3.12 -1.34
N THR A 91 7.23 4.18 -1.30
CA THR A 91 7.46 5.37 -0.44
C THR A 91 6.45 5.38 0.72
N THR A 92 5.42 4.55 0.65
CA THR A 92 4.42 4.46 1.71
C THR A 92 4.15 3.00 1.96
N VAL A 93 4.11 2.65 3.24
CA VAL A 93 3.92 1.26 3.71
C VAL A 93 2.84 1.29 4.80
N VAL A 94 1.99 0.30 4.82
CA VAL A 94 1.01 0.05 5.90
C VAL A 94 1.39 -1.28 6.50
N GLY A 95 1.84 -1.24 7.77
CA GLY A 95 2.40 -2.39 8.51
C GLY A 95 1.34 -3.06 9.34
N CYS A 96 1.31 -4.38 9.35
CA CYS A 96 0.44 -5.16 10.26
C CYS A 96 1.19 -6.35 10.84
N LEU A 97 0.53 -7.04 11.77
CA LEU A 97 0.92 -8.38 12.27
C LEU A 97 0.12 -9.47 11.56
N GLY A 98 0.60 -10.70 11.63
CA GLY A 98 0.01 -11.84 10.93
C GLY A 98 -0.34 -12.96 11.87
N THR A 99 -0.05 -14.20 11.50
CA THR A 99 -0.39 -15.40 12.30
C THR A 99 0.04 -15.21 13.76
N ASP A 100 1.26 -14.73 13.99
CA ASP A 100 1.86 -14.67 15.33
C ASP A 100 1.57 -13.29 15.95
N GLY A 101 0.59 -13.25 16.86
CA GLY A 101 0.28 -12.10 17.75
C GLY A 101 0.84 -12.27 19.15
N ILE A 102 1.70 -13.27 19.41
CA ILE A 102 2.28 -13.61 20.75
C ILE A 102 3.69 -13.05 20.82
N THR A 103 4.55 -13.41 19.86
CA THR A 103 6.01 -13.14 19.88
C THR A 103 6.27 -11.88 19.06
N ARG A 104 5.30 -11.46 18.28
CA ARG A 104 5.36 -10.15 17.57
C ARG A 104 4.41 -9.20 18.30
N SER A 105 4.92 -8.09 18.81
CA SER A 105 4.18 -7.13 19.63
C SER A 105 3.73 -5.94 18.77
N LEU A 106 2.61 -5.34 19.14
CA LEU A 106 2.11 -4.11 18.51
C LEU A 106 3.10 -2.98 18.75
N GLU A 107 3.75 -2.93 19.91
CA GLU A 107 4.57 -1.76 20.30
C GLU A 107 5.84 -1.78 19.42
N ASN A 108 6.31 -2.97 19.10
CA ASN A 108 7.43 -3.16 18.15
C ASN A 108 6.99 -2.71 16.75
N LEU A 109 5.74 -3.01 16.34
CA LEU A 109 5.21 -2.63 15.03
C LEU A 109 5.21 -1.11 14.89
N TYR A 110 4.81 -0.43 15.95
CA TYR A 110 4.77 1.04 16.04
C TYR A 110 6.20 1.58 15.95
N ALA A 111 7.10 1.03 16.77
CA ALA A 111 8.51 1.48 16.88
C ALA A 111 9.16 1.36 15.49
N LYS A 112 9.02 0.20 14.83
CA LYS A 112 9.50 -0.04 13.45
C LYS A 112 8.89 0.98 12.49
N ALA A 113 7.57 1.20 12.54
CA ALA A 113 6.90 2.21 11.68
C ALA A 113 7.52 3.59 11.91
N LYS A 114 7.92 3.90 13.14
CA LYS A 114 8.49 5.23 13.49
C LYS A 114 9.92 5.34 12.95
N SER A 115 10.67 4.24 12.97
CA SER A 115 12.08 4.31 12.51
C SER A 115 12.11 4.36 10.97
N LEU A 116 11.28 3.58 10.28
CA LEU A 116 11.11 3.72 8.82
C LEU A 116 10.77 5.17 8.51
N GLU A 117 9.94 5.83 9.32
CA GLU A 117 9.51 7.20 8.97
C GLU A 117 10.70 8.16 9.13
N SER A 118 11.56 7.92 10.10
CA SER A 118 12.73 8.78 10.41
C SER A 118 13.68 8.77 9.24
N GLU A 119 13.84 7.63 8.59
CA GLU A 119 14.78 7.38 7.49
C GLU A 119 14.17 7.89 6.17
N GLY A 120 12.91 8.35 6.19
CA GLY A 120 12.28 9.12 5.11
C GLY A 120 11.07 8.44 4.50
N LEU A 121 10.69 7.26 4.97
CA LEU A 121 9.47 6.53 4.50
C LEU A 121 8.22 7.16 5.13
N ASN A 122 7.03 6.83 4.62
CA ASN A 122 5.71 7.22 5.17
C ASN A 122 5.08 5.91 5.62
N THR A 123 4.61 5.84 6.86
CA THR A 123 4.18 4.57 7.49
C THR A 123 2.87 4.74 8.22
N PHE A 124 2.05 3.70 8.19
CA PHE A 124 0.81 3.58 8.99
C PHE A 124 0.76 2.14 9.44
N ILE A 125 -0.01 1.87 10.47
CA ILE A 125 -0.10 0.49 10.98
C ILE A 125 -1.56 0.17 11.19
N TYR A 126 -1.87 -1.11 11.20
CA TYR A 126 -3.07 -1.69 11.83
C TYR A 126 -2.76 -2.03 13.28
N THR A 127 -3.80 -2.06 14.10
CA THR A 127 -3.84 -2.75 15.40
C THR A 127 -4.40 -4.13 15.13
N GLY A 128 -4.46 -4.98 16.14
CA GLY A 128 -4.88 -6.39 15.96
C GLY A 128 -3.84 -7.21 15.23
N SER A 129 -4.25 -8.43 14.82
CA SER A 129 -3.47 -9.46 14.11
C SER A 129 -4.50 -10.47 13.56
N TYR A 130 -4.05 -11.66 13.13
CA TYR A 130 -4.96 -12.70 12.60
C TYR A 130 -6.06 -12.99 13.60
N ARG A 131 -5.70 -13.14 14.87
CA ARG A 131 -6.59 -13.77 15.86
C ARG A 131 -7.70 -12.81 16.28
N VAL A 132 -8.90 -13.35 16.41
CA VAL A 132 -10.05 -12.71 17.09
C VAL A 132 -10.21 -13.41 18.44
N PRO A 133 -10.32 -12.71 19.60
CA PRO A 133 -10.37 -11.25 19.71
C PRO A 133 -9.00 -10.59 19.51
N PRO A 134 -8.94 -9.39 18.90
CA PRO A 134 -7.67 -8.86 18.42
C PRO A 134 -6.83 -8.24 19.53
N VAL A 135 -5.50 -8.38 19.44
CA VAL A 135 -4.51 -7.74 20.33
C VAL A 135 -4.68 -6.23 20.14
N THR A 136 -4.40 -5.45 21.17
CA THR A 136 -4.62 -3.98 21.15
C THR A 136 -3.45 -3.35 21.92
N PHE A 137 -3.18 -2.08 21.68
CA PHE A 137 -2.22 -1.26 22.45
C PHE A 137 -2.79 -0.87 23.80
N THR A 138 -4.11 -0.63 23.90
CA THR A 138 -4.79 0.11 24.99
C THR A 138 -6.00 -0.67 25.52
N GLY A 139 -6.29 -1.88 25.06
CA GLY A 139 -7.44 -2.64 25.56
C GLY A 139 -8.67 -2.58 24.68
N SER A 140 -8.74 -1.66 23.72
CA SER A 140 -9.84 -1.70 22.73
C SER A 140 -9.34 -1.18 21.38
N ILE A 141 -9.80 -1.76 20.27
CA ILE A 141 -9.34 -1.27 18.96
C ILE A 141 -9.87 0.16 18.74
N MET A 142 -10.98 0.51 19.37
CA MET A 142 -11.54 1.85 19.16
C MET A 142 -10.62 2.87 19.83
N ARG A 143 -10.14 2.60 21.05
CA ARG A 143 -9.17 3.50 21.72
C ARG A 143 -7.86 3.55 20.94
N ASP A 144 -7.42 2.43 20.35
CA ASP A 144 -6.17 2.36 19.56
C ASP A 144 -6.21 3.37 18.41
N ILE A 145 -7.27 3.35 17.63
CA ILE A 145 -7.39 4.22 16.43
C ILE A 145 -7.63 5.66 16.88
N VAL A 146 -8.27 5.92 18.01
CA VAL A 146 -8.51 7.33 18.42
C VAL A 146 -7.19 7.89 18.95
N LEU A 147 -6.43 7.14 19.75
CA LEU A 147 -5.30 7.70 20.55
C LEU A 147 -3.94 7.65 19.82
N ILE A 148 -3.74 6.72 18.89
CA ILE A 148 -2.44 6.47 18.20
C ILE A 148 -2.51 6.92 16.74
N ASP A 149 -1.84 8.03 16.41
CA ASP A 149 -1.85 8.65 15.06
C ASP A 149 -1.74 7.57 13.97
N LYS A 150 -0.75 6.70 14.00
CA LYS A 150 -0.45 5.83 12.84
C LYS A 150 -1.49 4.70 12.68
N VAL A 151 -2.28 4.35 13.71
CA VAL A 151 -3.24 3.22 13.58
C VAL A 151 -4.36 3.63 12.60
N ILE A 152 -4.54 2.93 11.47
CA ILE A 152 -5.54 3.31 10.44
C ILE A 152 -6.63 2.24 10.32
N GLY A 153 -6.62 1.24 11.20
CA GLY A 153 -7.52 0.09 11.07
C GLY A 153 -7.10 -1.08 11.91
N VAL A 154 -7.82 -2.18 11.76
CA VAL A 154 -7.54 -3.47 12.43
C VAL A 154 -7.28 -4.48 11.33
N GLY A 155 -6.33 -5.36 11.55
CA GLY A 155 -5.87 -6.30 10.52
C GLY A 155 -4.58 -6.96 10.94
N GLU A 156 -4.22 -8.05 10.24
CA GLU A 156 -5.12 -8.62 9.25
C GLU A 156 -5.91 -9.75 9.92
N ILE A 157 -7.23 -9.61 10.04
CA ILE A 157 -8.14 -10.59 10.68
C ILE A 157 -8.31 -11.76 9.71
N ALA A 158 -8.00 -12.97 10.14
CA ALA A 158 -8.10 -14.17 9.30
C ALA A 158 -9.54 -14.66 9.31
N ILE A 159 -10.06 -14.94 8.12
CA ILE A 159 -11.35 -15.65 7.89
C ILE A 159 -11.07 -16.72 6.85
N SER A 160 -11.85 -17.78 6.85
CA SER A 160 -11.84 -18.84 5.83
C SER A 160 -10.41 -19.31 5.68
N ASP A 161 -9.77 -19.67 6.79
CA ASP A 161 -8.32 -20.02 6.85
C ASP A 161 -8.07 -20.96 8.04
N HIS A 162 -7.17 -21.91 7.87
CA HIS A 162 -6.81 -22.91 8.88
C HIS A 162 -6.02 -22.26 10.05
N ARG A 163 -5.51 -21.04 9.91
CA ARG A 163 -4.79 -20.28 10.97
C ARG A 163 -5.72 -19.25 11.66
N SER A 164 -6.99 -19.22 11.28
CA SER A 164 -7.96 -18.26 11.87
C SER A 164 -8.26 -18.69 13.32
N SER A 165 -8.89 -17.84 14.11
CA SER A 165 -9.34 -18.25 15.45
C SER A 165 -10.81 -18.64 15.35
N GLN A 166 -11.27 -18.94 14.13
CA GLN A 166 -12.67 -19.35 13.84
C GLN A 166 -13.62 -18.31 14.41
N PRO A 167 -13.53 -17.03 13.99
CA PRO A 167 -14.39 -15.99 14.52
C PRO A 167 -15.83 -16.12 14.01
N THR A 168 -16.79 -15.77 14.85
CA THR A 168 -18.23 -15.72 14.50
C THR A 168 -18.55 -14.41 13.78
N LEU A 169 -19.70 -14.34 13.14
CA LEU A 169 -20.19 -13.11 12.46
C LEU A 169 -20.38 -11.99 13.49
N GLU A 170 -20.97 -12.31 14.63
CA GLU A 170 -21.19 -11.35 15.75
C GLU A 170 -19.86 -10.75 16.18
N GLU A 171 -18.81 -11.57 16.37
CA GLU A 171 -17.48 -11.06 16.82
C GLU A 171 -16.96 -10.10 15.74
N ILE A 172 -16.97 -10.52 14.47
CA ILE A 172 -16.59 -9.64 13.31
C ILE A 172 -17.38 -8.32 13.37
N LEU A 173 -18.71 -8.34 13.50
CA LEU A 173 -19.54 -7.11 13.43
C LEU A 173 -19.10 -6.13 14.52
N ARG A 174 -18.86 -6.63 15.75
CA ARG A 174 -18.46 -5.75 16.85
C ARG A 174 -17.14 -5.05 16.45
N ILE A 175 -16.16 -5.80 15.91
CA ILE A 175 -14.83 -5.28 15.52
C ILE A 175 -15.00 -4.27 14.38
N VAL A 176 -15.80 -4.60 13.36
CA VAL A 176 -16.00 -3.65 12.23
C VAL A 176 -16.69 -2.39 12.76
N ALA A 177 -17.73 -2.51 13.57
CA ALA A 177 -18.44 -1.32 14.12
C ALA A 177 -17.50 -0.48 14.98
N ASP A 178 -16.61 -1.11 15.75
CA ASP A 178 -15.68 -0.37 16.64
C ASP A 178 -14.66 0.39 15.79
N ILE A 179 -14.14 -0.20 14.73
CA ILE A 179 -13.08 0.49 13.96
C ILE A 179 -13.74 1.57 13.08
N ARG A 180 -14.96 1.34 12.59
CA ARG A 180 -15.73 2.38 11.88
C ARG A 180 -15.98 3.57 12.81
N VAL A 181 -16.45 3.34 14.02
CA VAL A 181 -16.78 4.51 14.89
C VAL A 181 -15.48 5.20 15.32
N GLY A 182 -14.45 4.40 15.65
CA GLY A 182 -13.15 4.96 16.04
C GLY A 182 -12.58 5.81 14.92
N GLY A 183 -12.74 5.34 13.68
CA GLY A 183 -12.40 6.08 12.45
C GLY A 183 -13.10 7.44 12.38
N MET A 184 -14.39 7.48 12.65
CA MET A 184 -15.18 8.73 12.55
C MET A 184 -14.69 9.75 13.60
N ILE A 185 -14.45 9.32 14.84
CA ILE A 185 -14.03 10.22 15.94
C ILE A 185 -12.66 10.81 15.60
N SER A 186 -11.80 10.03 14.98
CA SER A 186 -10.36 10.33 14.80
C SER A 186 -10.10 10.95 13.41
N GLY A 187 -11.11 11.02 12.55
CA GLY A 187 -10.96 11.56 11.20
C GLY A 187 -10.12 10.65 10.32
N LYS A 188 -10.01 9.37 10.65
CA LYS A 188 -9.30 8.35 9.82
C LYS A 188 -10.30 7.42 9.12
N ALA A 189 -9.83 6.60 8.18
CA ALA A 189 -10.70 5.75 7.31
C ALA A 189 -11.37 4.62 8.11
N GLY A 190 -10.65 3.99 9.04
CA GLY A 190 -11.17 2.87 9.82
C GLY A 190 -11.31 1.61 8.99
N ILE A 191 -10.19 1.04 8.55
CA ILE A 191 -10.20 -0.13 7.63
C ILE A 191 -10.18 -1.41 8.47
N VAL A 192 -11.00 -2.39 8.11
CA VAL A 192 -10.79 -3.79 8.55
C VAL A 192 -10.15 -4.50 7.36
N ASN A 193 -8.93 -5.00 7.51
CA ASN A 193 -8.21 -5.81 6.52
C ASN A 193 -8.45 -7.28 6.88
N PHE A 194 -9.07 -8.03 5.97
CA PHE A 194 -9.36 -9.47 6.15
C PHE A 194 -8.28 -10.24 5.40
N HIS A 195 -7.52 -11.07 6.11
CA HIS A 195 -6.78 -12.18 5.49
C HIS A 195 -7.80 -13.23 5.06
N VAL A 196 -7.94 -13.47 3.77
CA VAL A 196 -8.89 -14.50 3.29
C VAL A 196 -8.10 -15.74 2.88
N GLY A 197 -8.35 -16.85 3.54
CA GLY A 197 -7.70 -18.11 3.23
C GLY A 197 -8.42 -18.81 2.10
N SER A 198 -8.24 -20.11 1.97
CA SER A 198 -8.73 -20.89 0.82
C SER A 198 -9.99 -21.65 1.22
N GLY A 199 -10.51 -21.40 2.42
CA GLY A 199 -11.75 -22.05 2.89
C GLY A 199 -12.94 -21.74 2.00
N LYS A 200 -13.90 -22.66 1.97
CA LYS A 200 -15.05 -22.63 1.01
C LYS A 200 -15.91 -21.42 1.30
N ARG A 201 -15.97 -20.94 2.54
CA ARG A 201 -16.79 -19.77 2.91
C ARG A 201 -16.27 -18.48 2.25
N GLY A 202 -15.01 -18.40 1.81
CA GLY A 202 -14.46 -17.18 1.18
C GLY A 202 -14.85 -15.92 1.94
N ILE A 203 -15.43 -14.91 1.28
CA ILE A 203 -15.86 -13.61 1.84
C ILE A 203 -17.38 -13.55 2.08
N GLU A 204 -18.02 -14.68 2.39
CA GLU A 204 -19.41 -14.76 2.94
C GLU A 204 -19.67 -13.65 3.99
N TYR A 205 -18.89 -13.57 5.05
CA TYR A 205 -19.11 -12.62 6.15
C TYR A 205 -19.16 -11.18 5.63
N LEU A 206 -18.39 -10.85 4.59
CA LEU A 206 -18.34 -9.45 4.06
C LEU A 206 -19.70 -9.10 3.43
N PHE A 207 -20.28 -10.04 2.69
CA PHE A 207 -21.62 -9.91 2.08
C PHE A 207 -22.66 -9.86 3.21
N ASP A 208 -22.49 -10.67 4.26
CA ASP A 208 -23.41 -10.70 5.43
C ASP A 208 -23.42 -9.33 6.12
N ILE A 209 -22.27 -8.70 6.28
CA ILE A 209 -22.20 -7.37 6.95
C ILE A 209 -23.02 -6.34 6.14
N ILE A 210 -22.80 -6.23 4.83
CA ILE A 210 -23.43 -5.14 4.02
C ILE A 210 -24.92 -5.44 3.79
N GLU A 211 -25.32 -6.70 3.71
CA GLU A 211 -26.74 -7.07 3.44
C GLU A 211 -27.56 -6.89 4.71
N LYS A 212 -27.01 -7.22 5.88
CA LYS A 212 -27.80 -7.37 7.13
C LYS A 212 -27.61 -6.16 8.06
N THR A 213 -26.72 -5.22 7.74
CA THR A 213 -26.48 -4.05 8.61
C THR A 213 -26.30 -2.80 7.76
N GLU A 214 -26.17 -1.67 8.44
CA GLU A 214 -26.08 -0.30 7.88
C GLU A 214 -24.60 0.04 7.61
N ILE A 215 -23.68 -0.93 7.71
CA ILE A 215 -22.22 -0.66 7.67
C ILE A 215 -21.77 -0.55 6.21
N PRO A 216 -21.20 0.60 5.84
CA PRO A 216 -20.82 0.83 4.45
C PRO A 216 -19.68 -0.11 4.04
N ILE A 217 -19.69 -0.49 2.76
CA ILE A 217 -18.78 -1.50 2.16
C ILE A 217 -17.31 -1.01 2.17
N GLN A 218 -17.05 0.28 2.33
CA GLN A 218 -15.71 0.92 2.12
C GLN A 218 -14.72 0.61 3.27
N HIS A 219 -15.20 0.16 4.42
CA HIS A 219 -14.35 -0.21 5.57
C HIS A 219 -13.80 -1.62 5.39
N LEU A 220 -14.32 -2.40 4.44
CA LEU A 220 -14.07 -3.85 4.34
C LEU A 220 -13.13 -4.09 3.19
N TYR A 221 -11.94 -4.56 3.49
CA TYR A 221 -10.78 -4.55 2.58
C TYR A 221 -10.18 -5.93 2.66
N PRO A 222 -10.74 -6.94 1.95
CA PRO A 222 -10.15 -8.27 1.93
C PRO A 222 -8.87 -8.33 1.09
N THR A 223 -7.90 -9.18 1.44
CA THR A 223 -6.66 -9.39 0.64
C THR A 223 -6.59 -10.87 0.23
N HIS A 224 -5.55 -11.25 -0.53
CA HIS A 224 -5.36 -12.60 -1.12
C HIS A 224 -6.54 -12.93 -2.03
N MET A 225 -7.13 -11.93 -2.63
CA MET A 225 -8.36 -12.08 -3.44
C MET A 225 -8.06 -12.60 -4.86
N SER A 226 -6.79 -12.81 -5.24
CA SER A 226 -6.42 -13.58 -6.46
C SER A 226 -5.97 -15.00 -6.11
N ARG A 227 -6.17 -15.47 -4.89
CA ARG A 227 -5.73 -16.83 -4.44
C ARG A 227 -6.32 -17.88 -5.38
N SER A 228 -7.54 -17.68 -5.88
CA SER A 228 -8.20 -18.60 -6.85
C SER A 228 -9.14 -17.80 -7.76
N ARG A 229 -9.40 -18.31 -8.97
CA ARG A 229 -10.41 -17.70 -9.88
C ARG A 229 -11.74 -17.59 -9.12
N LYS A 230 -12.13 -18.63 -8.38
CA LYS A 230 -13.45 -18.65 -7.69
C LYS A 230 -13.48 -17.50 -6.66
N LEU A 231 -12.42 -17.32 -5.87
CA LEU A 231 -12.39 -16.21 -4.88
C LEU A 231 -12.38 -14.87 -5.62
N PHE A 232 -11.60 -14.75 -6.69
CA PHE A 232 -11.50 -13.46 -7.43
C PHE A 232 -12.85 -13.09 -8.04
N GLU A 233 -13.63 -14.06 -8.50
CA GLU A 233 -14.96 -13.72 -9.05
C GLU A 233 -15.92 -13.36 -7.89
N GLN A 234 -15.80 -13.93 -6.69
CA GLN A 234 -16.50 -13.37 -5.48
C GLN A 234 -16.01 -11.92 -5.25
N GLY A 235 -14.72 -11.65 -5.47
CA GLY A 235 -14.15 -10.30 -5.36
C GLY A 235 -14.77 -9.30 -6.32
N LEU A 236 -14.94 -9.66 -7.59
CA LEU A 236 -15.55 -8.75 -8.60
C LEU A 236 -17.02 -8.50 -8.25
N GLU A 237 -17.70 -9.48 -7.66
CA GLU A 237 -19.09 -9.21 -7.22
C GLU A 237 -19.05 -8.16 -6.10
N PHE A 238 -18.03 -8.23 -5.24
CA PHE A 238 -17.84 -7.29 -4.10
C PHE A 238 -17.50 -5.91 -4.64
N ALA A 239 -16.60 -5.80 -5.63
CA ALA A 239 -16.27 -4.54 -6.35
C ALA A 239 -17.53 -3.93 -6.96
N LYS A 240 -18.37 -4.76 -7.59
CA LYS A 240 -19.58 -4.26 -8.31
C LYS A 240 -20.46 -3.57 -7.28
N ARG A 241 -20.41 -3.97 -6.02
CA ARG A 241 -21.25 -3.29 -5.00
C ARG A 241 -20.53 -2.10 -4.37
N GLY A 242 -19.33 -1.73 -4.81
CA GLY A 242 -18.63 -0.51 -4.32
C GLY A 242 -17.37 -0.85 -3.51
N GLY A 243 -17.06 -2.12 -3.34
CA GLY A 243 -15.92 -2.57 -2.53
C GLY A 243 -14.59 -2.41 -3.21
N THR A 244 -13.49 -2.32 -2.44
CA THR A 244 -12.10 -2.47 -2.92
C THR A 244 -11.56 -3.79 -2.39
N ILE A 245 -10.86 -4.53 -3.24
CA ILE A 245 -10.20 -5.82 -2.93
C ILE A 245 -8.70 -5.61 -3.15
N ASP A 246 -7.87 -6.41 -2.46
CA ASP A 246 -6.40 -6.41 -2.53
C ASP A 246 -5.97 -7.77 -3.06
N LEU A 247 -5.03 -7.77 -3.98
CA LEU A 247 -4.46 -8.96 -4.64
C LEU A 247 -3.00 -9.02 -4.23
N THR A 248 -2.50 -10.19 -3.90
CA THR A 248 -1.08 -10.30 -3.50
C THR A 248 -0.27 -10.19 -4.79
N ALA A 249 0.58 -9.19 -4.86
CA ALA A 249 1.54 -8.99 -5.96
C ALA A 249 2.24 -10.31 -6.30
N LEU A 250 2.54 -10.48 -7.59
CA LEU A 250 3.45 -11.54 -8.08
C LEU A 250 4.83 -11.25 -7.50
N GLN A 251 5.45 -12.26 -6.88
CA GLN A 251 6.84 -12.15 -6.34
C GLN A 251 7.81 -12.37 -7.50
N PRO A 252 8.89 -11.56 -7.64
CA PRO A 252 9.92 -11.82 -8.66
C PRO A 252 10.43 -13.25 -8.78
N LYS A 253 10.40 -14.04 -7.70
CA LYS A 253 10.80 -15.47 -7.65
C LYS A 253 10.08 -16.24 -8.76
N ALA A 260 0.33 -21.08 -11.21
CA ALA A 260 0.85 -20.51 -12.47
C ALA A 260 -0.24 -20.53 -13.55
N GLU A 261 -1.45 -21.00 -13.22
CA GLU A 261 -2.64 -20.93 -14.13
C GLU A 261 -3.28 -19.53 -14.01
N PHE A 262 -3.93 -19.26 -12.87
CA PHE A 262 -4.61 -17.99 -12.52
C PHE A 262 -3.71 -17.19 -11.56
N THR A 263 -3.27 -16.03 -12.01
CA THR A 263 -2.38 -15.15 -11.24
C THR A 263 -3.01 -13.78 -11.06
N THR A 264 -2.36 -12.97 -10.23
CA THR A 264 -2.66 -11.54 -10.03
C THR A 264 -2.65 -10.82 -11.40
N ILE A 265 -1.75 -11.16 -12.31
CA ILE A 265 -1.72 -10.56 -13.68
C ILE A 265 -3.07 -10.81 -14.38
N ASP A 266 -3.54 -12.06 -14.42
CA ASP A 266 -4.86 -12.40 -15.02
C ASP A 266 -5.93 -11.60 -14.30
N ALA A 267 -5.88 -11.57 -12.97
CA ALA A 267 -6.88 -10.89 -12.14
C ALA A 267 -6.99 -9.42 -12.57
N ILE A 268 -5.87 -8.73 -12.69
CA ILE A 268 -5.84 -7.27 -12.99
C ILE A 268 -6.41 -7.03 -14.41
N CYS A 269 -6.12 -7.93 -15.34
CA CYS A 269 -6.54 -7.82 -16.76
C CYS A 269 -8.05 -8.03 -16.84
N GLU A 270 -8.56 -9.00 -16.11
CA GLU A 270 -10.03 -9.22 -16.03
C GLU A 270 -10.67 -7.97 -15.42
N ALA A 271 -10.09 -7.38 -14.38
CA ALA A 271 -10.76 -6.27 -13.67
C ALA A 271 -10.86 -5.07 -14.63
N TYR A 272 -9.83 -4.82 -15.43
CA TYR A 272 -9.74 -3.74 -16.45
C TYR A 272 -10.82 -3.90 -17.54
N GLU A 273 -10.86 -5.07 -18.20
CA GLU A 273 -11.84 -5.41 -19.27
C GLU A 273 -13.28 -5.19 -18.78
N ASN A 274 -13.51 -5.36 -17.46
CA ASN A 274 -14.86 -5.25 -16.85
C ASN A 274 -15.05 -3.91 -16.14
N GLY A 275 -14.18 -2.92 -16.35
CA GLY A 275 -14.32 -1.58 -15.75
C GLY A 275 -14.30 -1.57 -14.22
N LEU A 276 -13.50 -2.44 -13.58
CA LEU A 276 -13.40 -2.53 -12.11
C LEU A 276 -11.96 -2.34 -11.61
N LEU A 277 -11.05 -1.90 -12.46
CA LEU A 277 -9.67 -1.62 -12.01
C LEU A 277 -9.67 -0.51 -10.95
N ASP A 278 -10.72 0.27 -10.79
CA ASP A 278 -10.77 1.32 -9.73
C ASP A 278 -10.93 0.65 -8.35
N ASN A 279 -11.28 -0.64 -8.32
CA ASN A 279 -11.69 -1.32 -7.08
C ASN A 279 -10.59 -2.30 -6.69
N VAL A 280 -9.38 -2.14 -7.20
CA VAL A 280 -8.35 -3.19 -7.07
C VAL A 280 -7.09 -2.55 -6.55
N THR A 281 -6.49 -3.14 -5.51
CA THR A 281 -5.13 -2.76 -5.05
C THR A 281 -4.27 -4.00 -5.18
N ILE A 282 -2.96 -3.82 -5.21
CA ILE A 282 -2.00 -4.92 -4.95
C ILE A 282 -1.12 -4.59 -3.73
N SER A 283 -0.57 -5.63 -3.12
CA SER A 283 0.34 -5.54 -1.94
C SER A 283 1.39 -6.65 -2.01
N SER A 284 2.58 -6.39 -1.48
CA SER A 284 3.70 -7.38 -1.51
C SER A 284 3.40 -8.51 -0.55
N ASP A 285 2.77 -8.18 0.57
CA ASP A 285 2.82 -9.05 1.78
C ASP A 285 4.29 -9.22 2.18
N GLY A 286 5.05 -8.13 2.12
CA GLY A 286 6.51 -8.17 2.27
C GLY A 286 6.89 -8.71 3.64
N GLN A 287 7.95 -9.51 3.71
CA GLN A 287 8.46 -10.24 4.92
C GLN A 287 7.47 -11.34 5.34
N GLY A 288 6.34 -11.49 4.62
CA GLY A 288 5.38 -12.58 4.87
C GLY A 288 6.04 -13.92 4.63
N SER A 289 5.40 -15.00 5.09
CA SER A 289 5.75 -16.42 4.80
C SER A 289 5.26 -16.82 3.40
N ASP A 303 8.71 -19.22 0.84
CA ASP A 303 9.69 -18.30 1.45
C ASP A 303 8.94 -16.97 1.75
N VAL A 304 9.56 -15.81 1.37
CA VAL A 304 9.42 -14.45 2.00
C VAL A 304 8.92 -13.41 0.97
N GLY A 305 7.77 -12.77 1.21
CA GLY A 305 7.37 -11.58 0.45
C GLY A 305 8.52 -10.57 0.35
N SER A 306 8.70 -9.96 -0.84
CA SER A 306 9.54 -8.76 -1.07
C SER A 306 8.64 -7.59 -1.51
N VAL A 307 8.90 -6.39 -1.00
CA VAL A 307 8.23 -5.15 -1.45
C VAL A 307 8.58 -4.91 -2.93
N SER A 308 9.65 -5.52 -3.45
CA SER A 308 10.01 -5.51 -4.90
C SER A 308 8.85 -6.08 -5.74
N ALA A 309 7.99 -6.91 -5.14
CA ALA A 309 6.86 -7.49 -5.88
C ALA A 309 5.97 -6.39 -6.50
N VAL A 310 5.95 -5.16 -5.97
CA VAL A 310 4.91 -4.20 -6.39
C VAL A 310 5.26 -3.69 -7.80
N TRP A 311 6.48 -3.21 -7.98
CA TRP A 311 6.93 -2.65 -9.27
C TRP A 311 7.08 -3.80 -10.28
N TYR A 312 7.50 -4.95 -9.80
CA TYR A 312 7.58 -6.16 -10.64
C TYR A 312 6.20 -6.43 -11.27
N THR A 313 5.15 -6.38 -10.45
CA THR A 313 3.77 -6.78 -10.85
C THR A 313 3.24 -5.73 -11.83
N ILE A 314 3.49 -4.45 -11.59
CA ILE A 314 3.14 -3.36 -12.53
C ILE A 314 3.82 -3.60 -13.89
N ARG A 315 5.09 -3.95 -13.90
CA ARG A 315 5.86 -4.23 -15.14
C ARG A 315 5.25 -5.44 -15.87
N LYS A 316 4.75 -6.45 -15.16
CA LYS A 316 4.17 -7.63 -15.84
C LYS A 316 2.84 -7.25 -16.50
N VAL A 317 2.10 -6.30 -15.95
CA VAL A 317 0.78 -5.90 -16.50
C VAL A 317 1.02 -5.03 -17.77
N LEU A 318 2.02 -4.14 -17.74
CA LEU A 318 2.39 -3.29 -18.89
C LEU A 318 2.67 -4.18 -20.11
N GLU A 319 3.47 -5.23 -19.93
CA GLU A 319 3.85 -6.23 -20.97
C GLU A 319 2.62 -6.95 -21.55
N LYS A 320 1.43 -6.76 -20.99
CA LYS A 320 0.16 -7.29 -21.55
C LYS A 320 -0.59 -6.16 -22.30
N GLY A 321 0.03 -5.00 -22.49
CA GLY A 321 -0.51 -3.90 -23.30
C GLY A 321 -1.32 -2.86 -22.55
N LEU A 322 -1.66 -3.07 -21.26
CA LEU A 322 -2.44 -2.07 -20.46
C LEU A 322 -1.65 -0.78 -20.36
N PRO A 323 -2.30 0.38 -20.45
CA PRO A 323 -1.63 1.68 -20.33
C PRO A 323 -1.18 2.01 -18.89
N LEU A 324 -0.02 2.62 -18.75
CA LEU A 324 0.63 2.91 -17.46
C LEU A 324 -0.28 3.80 -16.61
N ALA A 325 -0.93 4.80 -17.17
CA ALA A 325 -1.83 5.68 -16.38
C ALA A 325 -2.90 4.86 -15.66
N GLU A 326 -3.28 3.72 -16.23
CA GLU A 326 -4.37 2.87 -15.71
C GLU A 326 -3.79 1.89 -14.70
N VAL A 327 -2.69 1.21 -15.02
CA VAL A 327 -2.07 0.20 -14.11
C VAL A 327 -1.65 0.88 -12.80
N LEU A 328 -1.13 2.08 -12.83
CA LEU A 328 -0.63 2.77 -11.63
C LEU A 328 -1.71 2.93 -10.57
N LYS A 329 -2.97 2.86 -10.95
CA LYS A 329 -4.10 3.08 -10.02
C LYS A 329 -3.99 2.09 -8.85
N ILE A 330 -3.45 0.89 -9.10
CA ILE A 330 -3.49 -0.24 -8.12
C ILE A 330 -2.52 0.00 -6.95
N SER A 331 -1.57 0.89 -7.14
CA SER A 331 -0.45 1.18 -6.22
C SER A 331 -0.37 2.68 -5.94
N THR A 332 -1.29 3.50 -6.42
CA THR A 332 -1.27 4.94 -6.14
C THR A 332 -2.68 5.38 -5.79
N THR A 333 -3.54 5.58 -6.77
CA THR A 333 -4.87 6.19 -6.55
C THR A 333 -5.68 5.28 -5.61
N ASN A 334 -5.71 3.97 -5.86
CA ASN A 334 -6.68 3.07 -5.18
C ASN A 334 -6.32 2.93 -3.69
N PRO A 335 -5.05 2.63 -3.30
CA PRO A 335 -4.66 2.58 -1.89
C PRO A 335 -4.87 3.92 -1.20
N ALA A 336 -4.53 5.04 -1.85
CA ALA A 336 -4.77 6.38 -1.31
C ALA A 336 -6.26 6.56 -0.98
N ARG A 337 -7.17 6.11 -1.84
CA ARG A 337 -8.63 6.34 -1.60
C ARG A 337 -9.02 5.49 -0.40
N VAL A 338 -8.57 4.23 -0.36
CA VAL A 338 -8.96 3.29 0.73
C VAL A 338 -8.56 3.88 2.09
N PHE A 339 -7.34 4.43 2.23
CA PHE A 339 -6.74 4.87 3.52
C PHE A 339 -6.93 6.36 3.75
N LYS A 340 -7.59 7.08 2.84
CA LYS A 340 -7.81 8.55 2.87
C LYS A 340 -6.47 9.28 3.04
N LEU A 341 -5.50 8.99 2.18
CA LEU A 341 -4.17 9.65 2.22
C LEU A 341 -4.08 10.72 1.14
N ASN A 342 -3.36 11.80 1.42
CA ASN A 342 -2.99 12.82 0.42
C ASN A 342 -1.73 12.33 -0.29
N LYS A 343 -1.85 11.18 -0.94
CA LYS A 343 -0.74 10.55 -1.70
C LYS A 343 -1.29 10.00 -3.02
N GLY A 344 -0.42 9.43 -3.86
CA GLY A 344 -0.84 8.75 -5.10
C GLY A 344 -1.11 9.70 -6.27
N LYS A 345 -1.01 11.01 -6.05
CA LYS A 345 -1.31 12.06 -7.04
C LYS A 345 -0.14 13.05 -7.12
N ILE A 346 0.42 13.27 -8.31
CA ILE A 346 1.30 14.44 -8.56
C ILE A 346 0.41 15.62 -8.93
N ALA A 347 0.30 16.59 -8.03
CA ALA A 347 -0.63 17.72 -8.12
C ALA A 347 -0.38 18.70 -6.96
N LYS A 348 -0.77 19.95 -7.14
CA LYS A 348 -0.52 21.07 -6.19
C LYS A 348 -1.09 20.65 -4.84
N GLY A 349 -0.29 20.73 -3.76
CA GLY A 349 -0.76 20.53 -2.37
C GLY A 349 -0.68 19.08 -1.88
N GLN A 350 -0.63 18.12 -2.81
CA GLN A 350 -0.29 16.71 -2.58
C GLN A 350 1.15 16.61 -2.07
N ASP A 351 1.47 15.52 -1.38
CA ASP A 351 2.79 15.32 -0.73
C ASP A 351 3.77 14.90 -1.83
N ALA A 352 5.02 15.38 -1.73
CA ALA A 352 6.06 15.23 -2.77
C ALA A 352 6.68 13.84 -2.67
N ASP A 353 5.88 12.81 -2.97
CA ASP A 353 6.37 11.41 -3.05
C ASP A 353 6.30 10.97 -4.51
N PHE A 354 7.45 10.66 -5.12
CA PHE A 354 7.63 10.40 -6.56
C PHE A 354 8.66 9.29 -6.81
N ILE A 355 8.53 8.55 -7.91
CA ILE A 355 9.65 7.73 -8.44
C ILE A 355 9.97 8.21 -9.86
N LEU A 356 11.23 8.08 -10.22
CA LEU A 356 11.71 8.40 -11.58
C LEU A 356 12.13 7.08 -12.19
N VAL A 357 11.51 6.74 -13.30
CA VAL A 357 11.74 5.46 -14.02
C VAL A 357 12.42 5.77 -15.35
N ASP A 358 13.32 4.92 -15.80
CA ASP A 358 13.95 5.02 -17.13
C ASP A 358 12.89 4.64 -18.19
N GLU A 359 12.65 5.49 -19.20
CA GLU A 359 11.53 5.27 -20.16
C GLU A 359 11.82 4.04 -21.05
N GLN A 360 13.09 3.66 -21.23
CA GLN A 360 13.46 2.45 -22.03
C GLN A 360 13.33 1.20 -21.15
N SER A 361 14.24 1.06 -20.17
CA SER A 361 14.39 -0.15 -19.31
C SER A 361 13.28 -0.25 -18.24
N PHE A 362 12.69 0.87 -17.83
CA PHE A 362 11.63 0.92 -16.79
C PHE A 362 12.21 0.56 -15.41
N GLU A 363 13.50 0.79 -15.22
CA GLU A 363 14.21 0.55 -13.96
C GLU A 363 14.01 1.78 -13.07
N ILE A 364 13.76 1.59 -11.78
CA ILE A 364 13.63 2.74 -10.84
C ILE A 364 15.02 3.37 -10.67
N VAL A 365 15.17 4.66 -10.94
CA VAL A 365 16.51 5.30 -10.84
C VAL A 365 16.48 6.39 -9.78
N SER A 366 15.34 6.97 -9.49
CA SER A 366 15.30 7.93 -8.36
C SER A 366 13.99 7.82 -7.59
N VAL A 367 14.07 8.08 -6.28
CA VAL A 367 12.94 7.90 -5.34
C VAL A 367 12.92 9.08 -4.40
N ILE A 368 11.78 9.75 -4.35
CA ILE A 368 11.60 11.00 -3.56
C ILE A 368 10.42 10.80 -2.61
N SER A 369 10.62 11.14 -1.33
CA SER A 369 9.60 11.03 -0.25
C SER A 369 9.66 12.30 0.58
N LYS A 370 8.53 12.99 0.72
CA LYS A 370 8.45 14.26 1.45
C LYS A 370 9.49 15.20 0.85
N GLY A 371 9.79 15.02 -0.43
CA GLY A 371 10.62 15.96 -1.21
C GLY A 371 12.10 15.78 -0.94
N GLU A 372 12.49 14.70 -0.29
CA GLU A 372 13.90 14.32 -0.03
C GLU A 372 14.24 13.18 -0.99
N PHE A 373 15.43 13.20 -1.58
CA PHE A 373 15.92 12.08 -2.42
C PHE A 373 16.36 10.97 -1.48
N LEU A 374 15.62 9.87 -1.46
CA LEU A 374 16.06 8.60 -0.82
C LEU A 374 17.04 7.92 -1.76
N MET A 375 16.82 8.09 -3.07
CA MET A 375 17.71 7.54 -4.13
C MET A 375 17.77 8.53 -5.31
N LYS A 376 18.99 8.81 -5.75
CA LYS A 376 19.33 9.74 -6.86
C LYS A 376 20.28 8.99 -7.80
N ASP A 377 19.76 8.64 -8.98
CA ASP A 377 20.54 8.04 -10.08
C ASP A 377 21.26 6.79 -9.57
N GLY A 378 20.48 5.87 -8.99
CA GLY A 378 20.96 4.59 -8.41
C GLY A 378 21.73 4.73 -7.09
N VAL A 379 21.92 5.94 -6.57
CA VAL A 379 22.74 6.21 -5.35
C VAL A 379 21.81 6.42 -4.14
N MET A 380 21.78 5.41 -3.30
CA MET A 380 21.03 5.37 -2.02
C MET A 380 21.56 6.45 -1.08
N LYS A 381 20.65 7.16 -0.40
CA LYS A 381 20.99 8.06 0.74
C LYS A 381 21.72 7.29 1.84
N ASN A 382 22.20 8.02 2.85
CA ASN A 382 22.91 7.46 4.02
C ASN A 382 21.90 6.88 5.03
N LEU A 383 21.97 5.58 5.28
CA LEU A 383 21.14 4.84 6.28
C LEU A 383 21.96 4.31 7.48
N ASN A 384 21.25 4.01 8.58
CA ASN A 384 21.82 3.84 9.94
C ASN A 384 22.50 2.48 10.15
N PHE A 385 22.04 1.39 9.54
CA PHE A 385 22.68 0.05 9.75
C PHE A 385 22.92 -0.62 8.38
N GLU A 386 23.32 0.18 7.37
CA GLU A 386 23.52 -0.22 5.94
C GLU A 386 24.65 0.61 5.32
C1 GOL B . -4.27 8.70 8.24
O1 GOL B . -3.75 8.91 9.56
C2 GOL B . -5.52 9.50 7.99
O2 GOL B . -5.12 10.70 7.32
C3 GOL B . -6.60 8.82 7.16
O3 GOL B . -6.71 7.40 7.37
C1 GOL C . -14.65 -20.62 -1.90
O1 GOL C . -16.02 -20.90 -2.17
C2 GOL C . -14.14 -19.51 -2.79
O2 GOL C . -15.03 -18.38 -2.67
C3 GOL C . -12.70 -19.12 -2.50
O3 GOL C . -11.80 -20.24 -2.49
C1 GOL D . 9.60 -3.27 -20.02
O1 GOL D . 9.20 -4.48 -20.67
C2 GOL D . 8.52 -2.74 -19.11
O2 GOL D . 7.92 -3.81 -18.36
C3 GOL D . 7.45 -1.98 -19.85
O3 GOL D . 7.41 -2.38 -21.21
C1 GOL E . 10.50 -7.24 -15.20
O1 GOL E . 11.62 -7.50 -14.36
C2 GOL E . 10.49 -8.17 -16.40
O2 GOL E . 9.14 -8.52 -16.72
C3 GOL E . 11.17 -7.59 -17.62
O3 GOL E . 12.56 -7.89 -17.65
C1 GOL F . -9.31 10.25 -1.31
O1 GOL F . -10.32 9.63 -0.53
C2 GOL F . -8.22 10.87 -0.46
O2 GOL F . -7.06 11.11 -1.27
C3 GOL F . -8.66 12.16 0.22
O3 GOL F . -7.75 12.59 1.23
C1 GOL G . -15.25 -24.01 4.94
O1 GOL G . -14.61 -22.74 5.11
C2 GOL G . -14.33 -25.19 5.20
O2 GOL G . -15.03 -26.44 5.11
C3 GOL G . -13.14 -25.25 4.27
O3 GOL G . -13.56 -25.44 2.92
C1 PEG H . 3.50 2.42 -21.96
O1 PEG H . 2.18 2.52 -21.42
C2 PEG H . 4.47 3.36 -21.28
O2 PEG H . 5.39 3.94 -22.22
C3 PEG H . 4.96 5.19 -22.75
C4 PEG H . 6.11 6.16 -22.74
O4 PEG H . 5.66 7.51 -22.87
C1 GOL I . -24.91 -17.64 16.39
O1 GOL I . -24.98 -18.35 17.63
C2 GOL I . -23.61 -16.87 16.22
O2 GOL I . -23.22 -16.21 17.44
C3 GOL I . -23.68 -15.86 15.07
O3 GOL I . -22.54 -15.01 15.01
C1 PEG J . 0.95 5.55 -22.27
O1 PEG J . 1.64 6.82 -22.39
C2 PEG J . 0.54 5.19 -20.85
O2 PEG J . -0.84 5.42 -20.60
C3 PEG J . -1.22 6.80 -20.69
C4 PEG J . -2.69 6.94 -21.04
O4 PEG J . -3.29 8.09 -20.47
ZN ZN K . -2.47 -12.73 4.94
ZN ZN L . -0.03 -10.67 5.41
#